data_8JOY
#
_entry.id   8JOY
#
_cell.length_a   35.106
_cell.length_b   54.691
_cell.length_c   57.578
_cell.angle_alpha   90.000
_cell.angle_beta   90.023
_cell.angle_gamma   90.000
#
_symmetry.space_group_name_H-M   'P 1 21 1'
#
loop_
_entity.id
_entity.type
_entity.pdbx_description
1 polymer 'Serine/threonine-protein kinase PLK1'
2 polymer 'Peptide from Minor capsid protein L2'
3 water water
#
loop_
_entity_poly.entity_id
_entity_poly.type
_entity_poly.pdbx_seq_one_letter_code
_entity_poly.pdbx_strand_id
1 'polypeptide(L)'
;GHDCHLSDMLQQLHSVNASKPSERGLVRQEEAEDPACIPIFWVSKWVDYSDKYGLGYQLCDNSVGVLFNDSTRLILYNDG
DSLQYIERDGTESYLTVSSHPNSLMKKITLLKYFRNYMSEHLLKAGANITPREGDELARLPYLRTWFRTRSAIILHLSNG
SVQINFFQDHTKLILCPLMAAVTYIDEKRDFRTYRLSLLEEYGCCKELASRLRYARTMVDKLLSSR
;
A
2 'polypeptide(L)' PKTS(TPO)PR B
#
# COMPACT_ATOMS: atom_id res chain seq x y z
N HIS A 5 -9.95 -4.69 -10.75
CA HIS A 5 -8.59 -4.97 -10.33
C HIS A 5 -8.51 -6.10 -9.31
N LEU A 6 -9.29 -5.95 -8.23
CA LEU A 6 -9.15 -6.89 -7.12
C LEU A 6 -9.57 -8.28 -7.52
N SER A 7 -10.59 -8.39 -8.36
CA SER A 7 -10.98 -9.70 -8.84
C SER A 7 -9.84 -10.31 -9.65
N ASP A 8 -9.06 -9.48 -10.36
CA ASP A 8 -7.87 -9.96 -11.05
C ASP A 8 -6.89 -10.60 -10.07
N MET A 9 -6.73 -10.00 -8.90
CA MET A 9 -5.70 -10.42 -7.95
C MET A 9 -6.15 -11.60 -7.10
N LEU A 10 -7.43 -11.61 -6.69
CA LEU A 10 -7.97 -12.75 -5.97
C LEU A 10 -7.77 -14.04 -6.78
N GLN A 11 -7.99 -13.98 -8.10
CA GLN A 11 -7.75 -15.15 -8.96
C GLN A 11 -6.28 -15.54 -8.92
N GLN A 12 -5.39 -14.56 -9.03
CA GLN A 12 -3.96 -14.84 -8.98
C GLN A 12 -3.57 -15.46 -7.65
N LEU A 13 -4.05 -14.89 -6.54
CA LEU A 13 -3.74 -15.44 -5.22
C LEU A 13 -4.33 -16.83 -5.04
N HIS A 14 -5.46 -17.11 -5.71
CA HIS A 14 -6.13 -18.39 -5.56
C HIS A 14 -5.37 -19.49 -6.27
N SER A 15 -4.83 -19.22 -7.46
CA SER A 15 -3.96 -20.19 -8.12
C SER A 15 -2.75 -20.49 -7.25
N VAL A 16 -2.05 -19.45 -6.76
CA VAL A 16 -0.77 -19.67 -6.13
C VAL A 16 -0.90 -20.51 -4.87
N ASN A 17 -1.88 -20.25 -4.00
CA ASN A 17 -1.89 -21.07 -2.80
C ASN A 17 -2.74 -22.32 -2.95
N ALA A 18 -3.52 -22.40 -4.03
CA ALA A 18 -3.94 -23.70 -4.54
C ALA A 18 -2.75 -24.56 -4.93
N SER A 19 -1.64 -23.95 -5.35
CA SER A 19 -0.45 -24.68 -5.73
C SER A 19 0.33 -25.18 -4.52
N LYS A 20 -0.03 -24.76 -3.31
CA LYS A 20 0.63 -25.09 -2.05
C LYS A 20 2.14 -24.98 -2.16
N PRO A 21 2.67 -23.80 -2.43
CA PRO A 21 4.07 -23.65 -2.84
C PRO A 21 5.09 -24.02 -1.77
N SER A 22 4.67 -24.25 -0.52
CA SER A 22 5.60 -24.58 0.56
C SER A 22 5.95 -26.05 0.60
N GLU A 23 5.08 -26.90 0.05
CA GLU A 23 5.22 -28.35 0.17
C GLU A 23 5.92 -28.97 -1.02
N ARG A 24 6.60 -28.18 -1.82
CA ARG A 24 7.40 -28.72 -2.90
C ARG A 24 8.60 -29.47 -2.34
N GLY A 25 9.04 -30.49 -3.07
CA GLY A 25 10.24 -31.22 -2.66
C GLY A 25 11.47 -30.32 -2.62
N LEU A 26 11.70 -29.56 -3.69
CA LEU A 26 12.80 -28.60 -3.74
C LEU A 26 12.21 -27.21 -4.01
N VAL A 27 12.19 -26.36 -3.00
CA VAL A 27 11.67 -25.01 -3.16
C VAL A 27 12.81 -24.13 -3.70
N ARG A 28 12.57 -23.49 -4.84
CA ARG A 28 13.55 -22.65 -5.51
C ARG A 28 13.05 -21.21 -5.59
N GLN A 29 12.72 -20.62 -4.44
CA GLN A 29 12.13 -19.29 -4.38
C GLN A 29 12.89 -18.28 -5.22
N GLU A 30 14.21 -18.37 -5.28
CA GLU A 30 15.02 -17.32 -5.90
C GLU A 30 14.86 -17.26 -7.39
N GLU A 31 14.42 -18.34 -8.01
CA GLU A 31 14.23 -18.33 -9.45
C GLU A 31 12.95 -17.61 -9.86
N ALA A 32 12.05 -17.32 -8.90
CA ALA A 32 10.84 -16.55 -9.15
C ALA A 32 11.04 -15.05 -8.96
N GLU A 33 12.27 -14.59 -8.86
CA GLU A 33 12.54 -13.17 -8.75
C GLU A 33 12.47 -12.55 -10.14
N ASP A 34 11.85 -11.38 -10.24
CA ASP A 34 11.68 -10.68 -11.52
C ASP A 34 11.93 -9.21 -11.24
N PRO A 35 13.21 -8.76 -11.17
CA PRO A 35 13.52 -7.35 -10.92
C PRO A 35 12.70 -6.35 -11.71
N ALA A 36 12.06 -6.73 -12.82
CA ALA A 36 11.36 -5.77 -13.67
C ALA A 36 9.92 -5.51 -13.26
N CYS A 37 9.44 -6.16 -12.21
CA CYS A 37 8.06 -6.00 -11.76
C CYS A 37 7.99 -5.30 -10.41
N ILE A 38 9.03 -4.55 -10.06
CA ILE A 38 9.05 -3.77 -8.82
C ILE A 38 7.97 -2.71 -8.90
N PRO A 39 7.15 -2.49 -7.84
CA PRO A 39 6.06 -1.50 -7.91
C PRO A 39 6.65 -0.11 -7.99
N ILE A 40 6.00 0.77 -8.74
CA ILE A 40 6.36 2.17 -8.73
C ILE A 40 5.87 2.85 -7.45
N PHE A 41 4.75 2.42 -6.89
CA PHE A 41 4.21 3.11 -5.71
C PHE A 41 3.89 2.15 -4.58
N TRP A 42 4.26 2.58 -3.37
CA TRP A 42 3.84 1.89 -2.15
C TRP A 42 3.79 2.92 -1.03
N VAL A 43 3.18 2.54 0.07
CA VAL A 43 2.95 3.44 1.19
C VAL A 43 4.14 3.30 2.12
N SER A 44 4.84 4.39 2.36
CA SER A 44 6.10 4.35 3.09
C SER A 44 5.93 4.72 4.54
N LYS A 45 4.87 5.45 4.88
CA LYS A 45 4.55 5.87 6.24
C LYS A 45 3.04 6.06 6.31
N TRP A 46 2.46 5.88 7.51
CA TRP A 46 1.03 6.17 7.68
C TRP A 46 0.77 6.61 9.11
N VAL A 47 -0.28 7.42 9.28
CA VAL A 47 -0.76 7.92 10.56
C VAL A 47 -2.29 7.76 10.60
N ASP A 48 -2.77 6.95 11.53
CA ASP A 48 -4.21 6.71 11.68
C ASP A 48 -4.77 7.63 12.77
N TYR A 49 -5.36 8.73 12.35
CA TYR A 49 -6.16 9.59 13.22
C TYR A 49 -7.63 9.53 12.82
N SER A 50 -8.13 8.32 12.55
CA SER A 50 -9.47 8.18 11.97
C SER A 50 -10.59 8.48 12.99
N ASP A 51 -10.33 8.35 14.29
CA ASP A 51 -11.34 8.71 15.29
C ASP A 51 -11.66 10.20 15.24
N LYS A 52 -10.71 11.03 14.84
CA LYS A 52 -10.91 12.47 14.71
C LYS A 52 -11.01 12.92 13.26
N TYR A 53 -10.10 12.50 12.37
CA TYR A 53 -10.04 13.11 11.04
C TYR A 53 -9.90 12.11 9.91
N GLY A 54 -9.10 11.07 10.07
CA GLY A 54 -8.86 10.14 8.98
C GLY A 54 -7.41 9.71 8.93
N LEU A 55 -7.07 9.06 7.81
CA LEU A 55 -5.83 8.32 7.63
C LEU A 55 -4.84 9.14 6.81
N GLY A 56 -3.72 9.51 7.43
CA GLY A 56 -2.64 10.21 6.75
C GLY A 56 -1.56 9.22 6.35
N TYR A 57 -1.05 9.38 5.13
CA TYR A 57 -0.05 8.47 4.60
C TYR A 57 0.96 9.20 3.69
N GLN A 58 2.14 8.58 3.52
CA GLN A 58 3.15 9.06 2.59
C GLN A 58 3.34 8.05 1.48
N LEU A 59 3.51 8.51 0.26
CA LEU A 59 3.82 7.58 -0.82
C LEU A 59 5.34 7.50 -1.01
N CYS A 60 5.80 6.47 -1.71
CA CYS A 60 7.24 6.25 -1.71
C CYS A 60 8.00 7.32 -2.49
N ASP A 61 7.29 8.16 -3.26
CA ASP A 61 7.90 9.28 -3.97
C ASP A 61 7.90 10.58 -3.15
N ASN A 62 7.55 10.49 -1.88
CA ASN A 62 7.50 11.56 -0.88
C ASN A 62 6.25 12.41 -1.03
N SER A 63 5.33 12.08 -1.94
CA SER A 63 4.01 12.67 -1.84
C SER A 63 3.23 12.09 -0.65
N VAL A 64 2.28 12.87 -0.16
CA VAL A 64 1.47 12.55 1.01
C VAL A 64 0.00 12.72 0.65
N GLY A 65 -0.85 11.93 1.31
CA GLY A 65 -2.30 12.07 1.13
C GLY A 65 -3.06 11.90 2.43
N VAL A 66 -4.32 12.29 2.40
CA VAL A 66 -5.23 12.02 3.52
C VAL A 66 -6.54 11.49 2.96
N LEU A 67 -7.02 10.38 3.55
CA LEU A 67 -8.39 9.90 3.34
C LEU A 67 -9.18 10.34 4.56
N PHE A 68 -10.00 11.39 4.40
CA PHE A 68 -10.77 11.95 5.50
C PHE A 68 -11.95 11.05 5.87
N ASN A 69 -12.41 11.19 7.12
CA ASN A 69 -13.51 10.40 7.63
C ASN A 69 -14.77 10.54 6.78
N ASP A 70 -14.93 11.65 6.07
CA ASP A 70 -16.04 11.82 5.13
C ASP A 70 -15.79 11.18 3.78
N SER A 71 -14.71 10.42 3.63
CA SER A 71 -14.36 9.74 2.39
C SER A 71 -13.95 10.68 1.27
N THR A 72 -13.64 11.93 1.60
CA THR A 72 -12.90 12.80 0.69
C THR A 72 -11.43 12.46 0.77
N ARG A 73 -10.69 12.81 -0.27
CA ARG A 73 -9.25 12.59 -0.36
C ARG A 73 -8.56 13.85 -0.81
N LEU A 74 -7.42 14.15 -0.19
CA LEU A 74 -6.59 15.29 -0.56
C LEU A 74 -5.15 14.82 -0.68
N ILE A 75 -4.52 15.06 -1.84
CA ILE A 75 -3.16 14.60 -2.15
C ILE A 75 -2.25 15.82 -2.27
N LEU A 76 -1.03 15.71 -1.74
CA LEU A 76 0.00 16.71 -1.98
C LEU A 76 1.11 16.04 -2.76
N TYR A 77 1.45 16.62 -3.91
CA TYR A 77 2.55 16.13 -4.74
C TYR A 77 3.88 16.31 -4.00
N ASN A 78 4.93 15.68 -4.53
CA ASN A 78 6.23 15.91 -3.92
C ASN A 78 6.82 17.27 -4.29
N ASP A 79 6.15 18.04 -5.14
CA ASP A 79 6.62 19.41 -5.35
C ASP A 79 6.20 20.34 -4.23
N GLY A 80 5.47 19.83 -3.24
CA GLY A 80 4.96 20.64 -2.15
C GLY A 80 3.90 21.67 -2.50
N ASP A 81 3.35 21.65 -3.71
CA ASP A 81 2.45 22.73 -4.12
C ASP A 81 1.17 22.21 -4.75
N SER A 82 1.30 21.28 -5.71
CA SER A 82 0.15 20.77 -6.43
C SER A 82 -0.69 19.85 -5.55
N LEU A 83 -1.99 20.14 -5.51
CA LEU A 83 -2.94 19.32 -4.77
C LEU A 83 -3.89 18.65 -5.76
N GLN A 84 -4.35 17.47 -5.39
CA GLN A 84 -5.48 16.84 -6.03
C GLN A 84 -6.51 16.59 -4.94
N TYR A 85 -7.77 16.93 -5.22
CA TYR A 85 -8.90 16.75 -4.32
C TYR A 85 -9.91 15.83 -4.99
N ILE A 86 -10.29 14.76 -4.30
CA ILE A 86 -11.25 13.80 -4.80
C ILE A 86 -12.44 13.81 -3.85
N GLU A 87 -13.60 14.13 -4.38
CA GLU A 87 -14.82 14.04 -3.60
C GLU A 87 -15.23 12.57 -3.43
N ARG A 88 -16.20 12.35 -2.55
CA ARG A 88 -16.72 11.01 -2.27
C ARG A 88 -17.06 10.26 -3.56
N ASP A 89 -17.78 10.91 -4.47
CA ASP A 89 -18.20 10.29 -5.73
C ASP A 89 -17.09 10.13 -6.76
N GLY A 90 -15.83 10.45 -6.43
CA GLY A 90 -14.71 10.30 -7.35
C GLY A 90 -14.40 11.52 -8.20
N THR A 91 -15.22 12.58 -8.15
CA THR A 91 -14.93 13.80 -8.89
C THR A 91 -13.55 14.34 -8.51
N GLU A 92 -12.72 14.61 -9.52
CA GLU A 92 -11.33 14.99 -9.31
C GLU A 92 -11.11 16.47 -9.68
N SER A 93 -10.37 17.19 -8.85
CA SER A 93 -10.10 18.59 -9.06
C SER A 93 -8.62 18.87 -8.75
N TYR A 94 -7.98 19.68 -9.59
CA TYR A 94 -6.60 20.08 -9.40
C TYR A 94 -6.55 21.46 -8.75
N LEU A 95 -5.74 21.59 -7.71
CA LEU A 95 -5.57 22.83 -7.00
C LEU A 95 -4.09 22.99 -6.68
N THR A 96 -3.74 24.08 -6.01
CA THR A 96 -2.40 24.34 -5.50
C THR A 96 -2.54 24.88 -4.10
N VAL A 97 -1.46 24.83 -3.30
CA VAL A 97 -1.49 25.46 -1.98
C VAL A 97 -1.35 26.96 -2.15
N SER A 98 -0.70 27.41 -3.22
CA SER A 98 -0.65 28.82 -3.59
C SER A 98 -2.06 29.33 -3.90
N SER A 99 -2.63 28.93 -5.04
CA SER A 99 -3.93 29.44 -5.51
C SER A 99 -5.03 28.41 -5.24
N HIS A 100 -5.62 28.45 -4.04
CA HIS A 100 -6.56 27.42 -3.63
C HIS A 100 -7.83 28.01 -3.05
N PRO A 101 -8.94 27.26 -3.11
CA PRO A 101 -10.18 27.72 -2.48
C PRO A 101 -9.98 27.84 -0.99
N ASN A 102 -10.77 28.72 -0.38
CA ASN A 102 -10.75 28.88 1.06
C ASN A 102 -11.70 27.93 1.76
N SER A 103 -12.55 27.22 1.03
CA SER A 103 -13.37 26.20 1.65
C SER A 103 -12.56 25.00 2.10
N LEU A 104 -11.34 24.83 1.57
CA LEU A 104 -10.49 23.69 1.90
C LEU A 104 -9.39 24.04 2.90
N MET A 105 -9.48 25.18 3.58
CA MET A 105 -8.38 25.59 4.45
C MET A 105 -8.19 24.59 5.59
N LYS A 106 -9.28 24.12 6.19
CA LYS A 106 -9.17 23.19 7.31
C LYS A 106 -8.50 21.88 6.87
N LYS A 107 -8.90 21.33 5.72
CA LYS A 107 -8.34 20.08 5.24
C LYS A 107 -6.88 20.24 4.82
N ILE A 108 -6.51 21.42 4.30
CA ILE A 108 -5.13 21.65 3.91
C ILE A 108 -4.24 21.83 5.13
N THR A 109 -4.71 22.48 6.19
CA THR A 109 -3.86 22.50 7.38
C THR A 109 -3.79 21.14 8.03
N LEU A 110 -4.88 20.35 7.99
CA LEU A 110 -4.81 18.98 8.49
C LEU A 110 -3.79 18.16 7.71
N LEU A 111 -3.78 18.30 6.38
CA LEU A 111 -2.78 17.62 5.58
C LEU A 111 -1.38 18.08 5.97
N LYS A 112 -1.21 19.39 6.23
CA LYS A 112 0.09 19.92 6.59
C LYS A 112 0.52 19.41 7.97
N TYR A 113 -0.44 19.16 8.86
CA TYR A 113 -0.10 18.54 10.13
C TYR A 113 0.34 17.09 9.92
N PHE A 114 -0.35 16.34 9.05
CA PHE A 114 0.05 14.97 8.76
C PHE A 114 1.46 14.92 8.16
N ARG A 115 1.78 15.80 7.23
CA ARG A 115 3.08 15.76 6.55
C ARG A 115 4.21 16.14 7.52
N ASN A 116 3.96 17.10 8.41
CA ASN A 116 4.92 17.52 9.40
C ASN A 116 5.14 16.43 10.42
N TYR A 117 4.06 15.76 10.86
CA TYR A 117 4.22 14.65 11.79
C TYR A 117 5.05 13.53 11.18
N MET A 118 4.74 13.15 9.94
CA MET A 118 5.47 12.04 9.31
C MET A 118 6.93 12.41 9.08
N SER A 119 7.22 13.69 8.78
CA SER A 119 8.61 14.11 8.56
C SER A 119 9.43 14.00 9.82
N GLU A 120 8.87 14.37 10.96
CA GLU A 120 9.59 14.40 12.21
C GLU A 120 9.67 13.04 12.88
N HIS A 121 8.61 12.23 12.81
CA HIS A 121 8.51 11.05 13.67
C HIS A 121 8.84 9.73 13.02
N LEU A 122 8.71 9.59 11.71
CA LEU A 122 8.56 8.24 11.19
C LEU A 122 9.69 7.82 10.26
N LEU A 123 9.78 6.51 10.11
CA LEU A 123 10.72 5.86 9.24
C LEU A 123 10.08 5.56 7.89
N LYS A 124 10.67 6.06 6.82
CA LYS A 124 10.18 5.77 5.47
C LYS A 124 10.45 4.30 5.09
N ALA A 125 9.40 3.57 4.76
CA ALA A 125 9.55 2.18 4.38
C ALA A 125 10.13 2.04 2.97
N GLY A 126 10.94 1.00 2.81
CA GLY A 126 11.53 0.63 1.54
C GLY A 126 12.38 1.73 0.92
N ALA A 127 13.09 2.51 1.77
CA ALA A 127 13.78 3.68 1.23
C ALA A 127 14.97 3.30 0.34
N ASN A 128 15.44 2.06 0.40
CA ASN A 128 16.56 1.61 -0.41
C ASN A 128 16.15 1.12 -1.79
N ILE A 129 14.86 1.11 -2.10
CA ILE A 129 14.35 0.62 -3.39
C ILE A 129 14.23 1.77 -4.38
N THR A 130 14.84 1.61 -5.57
CA THR A 130 14.68 2.56 -6.67
C THR A 130 13.51 2.11 -7.53
N PRO A 131 12.33 2.75 -7.42
CA PRO A 131 11.12 2.31 -8.13
C PRO A 131 11.29 2.26 -9.65
N ALA A 138 3.45 6.90 -15.32
CA ALA A 138 2.75 6.42 -14.14
C ALA A 138 1.97 7.53 -13.40
N ARG A 139 0.65 7.41 -13.36
CA ARG A 139 -0.18 8.43 -12.71
C ARG A 139 -0.06 8.29 -11.20
N LEU A 140 -0.22 9.40 -10.51
CA LEU A 140 -0.10 9.41 -9.06
C LEU A 140 -1.34 8.76 -8.47
N PRO A 141 -1.21 7.79 -7.57
CA PRO A 141 -2.39 7.13 -6.99
C PRO A 141 -2.82 7.73 -5.65
N TYR A 142 -4.08 7.48 -5.29
CA TYR A 142 -4.67 7.87 -4.01
C TYR A 142 -5.21 6.64 -3.29
N LEU A 143 -5.31 6.74 -1.96
CA LEU A 143 -5.80 5.63 -1.15
C LEU A 143 -7.30 5.44 -1.37
N ARG A 144 -7.68 4.30 -1.95
CA ARG A 144 -9.09 3.99 -2.24
C ARG A 144 -9.82 3.56 -0.98
N THR A 145 -9.28 2.57 -0.27
CA THR A 145 -9.84 2.18 1.01
C THR A 145 -8.76 1.48 1.85
N TRP A 146 -9.06 1.33 3.15
CA TRP A 146 -8.12 0.76 4.11
C TRP A 146 -8.87 0.17 5.29
N PHE A 147 -8.26 -0.81 5.97
CA PHE A 147 -8.77 -1.30 7.24
C PHE A 147 -7.66 -1.98 8.02
N ARG A 148 -7.86 -2.05 9.33
CA ARG A 148 -6.94 -2.65 10.26
C ARG A 148 -7.57 -3.91 10.82
N THR A 149 -6.68 -4.77 11.33
CA THR A 149 -6.98 -5.94 12.13
C THR A 149 -6.07 -5.85 13.33
N ARG A 150 -6.02 -6.90 14.16
CA ARG A 150 -5.10 -6.81 15.28
C ARG A 150 -3.65 -7.06 14.85
N SER A 151 -3.41 -7.65 13.68
CA SER A 151 -2.06 -7.96 13.25
C SER A 151 -1.57 -7.15 12.04
N ALA A 152 -2.46 -6.56 11.23
CA ALA A 152 -1.98 -5.86 10.04
C ALA A 152 -2.92 -4.70 9.69
N ILE A 153 -2.38 -3.76 8.92
CA ILE A 153 -3.16 -2.73 8.23
C ILE A 153 -3.13 -3.06 6.74
N ILE A 154 -4.25 -2.85 6.06
CA ILE A 154 -4.45 -3.21 4.66
C ILE A 154 -4.75 -1.93 3.87
N LEU A 155 -3.93 -1.64 2.87
CA LEU A 155 -4.04 -0.41 2.09
C LEU A 155 -4.30 -0.77 0.63
N HIS A 156 -5.32 -0.17 0.04
CA HIS A 156 -5.64 -0.43 -1.37
C HIS A 156 -5.56 0.90 -2.11
N LEU A 157 -4.66 0.96 -3.10
CA LEU A 157 -4.34 2.13 -3.90
C LEU A 157 -5.17 2.13 -5.17
N SER A 158 -5.33 3.31 -5.75
CA SER A 158 -6.24 3.44 -6.88
C SER A 158 -5.66 2.90 -8.18
N ASN A 159 -4.41 2.43 -8.17
CA ASN A 159 -3.87 1.72 -9.32
C ASN A 159 -4.09 0.23 -9.21
N GLY A 160 -4.91 -0.24 -8.28
CA GLY A 160 -5.13 -1.66 -8.07
C GLY A 160 -4.24 -2.33 -7.05
N SER A 161 -3.18 -1.68 -6.57
CA SER A 161 -2.27 -2.35 -5.65
C SER A 161 -2.85 -2.47 -4.25
N VAL A 162 -2.59 -3.60 -3.61
CA VAL A 162 -2.94 -3.86 -2.21
C VAL A 162 -1.64 -4.09 -1.44
N GLN A 163 -1.51 -3.43 -0.28
CA GLN A 163 -0.35 -3.52 0.59
C GLN A 163 -0.82 -3.93 1.98
N ILE A 164 -0.04 -4.76 2.65
CA ILE A 164 -0.34 -5.26 4.00
C ILE A 164 0.91 -5.09 4.87
N ASN A 165 0.80 -4.28 5.92
CA ASN A 165 1.91 -4.05 6.87
C ASN A 165 1.61 -4.82 8.14
N PHE A 166 2.47 -5.77 8.50
CA PHE A 166 2.27 -6.53 9.74
C PHE A 166 2.94 -5.78 10.89
N PHE A 167 2.17 -5.53 11.97
CA PHE A 167 2.62 -4.81 13.16
C PHE A 167 3.59 -5.61 14.00
N GLN A 168 3.87 -6.83 13.61
CA GLN A 168 4.56 -7.74 14.48
C GLN A 168 6.07 -7.64 14.26
N ASP A 169 6.47 -7.95 13.03
CA ASP A 169 7.84 -8.06 12.58
C ASP A 169 8.16 -7.00 11.55
N HIS A 170 7.22 -6.11 11.27
CA HIS A 170 7.36 -5.05 10.28
C HIS A 170 7.53 -5.58 8.87
N THR A 171 7.22 -6.85 8.64
CA THR A 171 7.21 -7.36 7.28
C THR A 171 6.01 -6.78 6.53
N LYS A 172 6.17 -6.68 5.22
CA LYS A 172 5.22 -5.97 4.38
C LYS A 172 5.02 -6.74 3.09
N LEU A 173 3.78 -6.80 2.62
CA LEU A 173 3.44 -7.38 1.34
C LEU A 173 2.89 -6.29 0.44
N ILE A 174 3.21 -6.36 -0.85
CA ILE A 174 2.71 -5.43 -1.85
C ILE A 174 2.26 -6.25 -3.04
N LEU A 175 0.97 -6.22 -3.33
CA LEU A 175 0.37 -7.01 -4.40
C LEU A 175 -0.03 -6.09 -5.54
N CYS A 176 0.47 -6.38 -6.74
CA CYS A 176 0.13 -5.64 -7.96
C CYS A 176 -0.65 -6.57 -8.90
N PRO A 177 -1.92 -6.28 -9.20
CA PRO A 177 -2.65 -7.14 -10.15
C PRO A 177 -2.16 -6.98 -11.57
N LEU A 178 -1.68 -5.80 -11.97
CA LEU A 178 -1.30 -5.59 -13.36
C LEU A 178 -0.06 -6.42 -13.72
N MET A 179 1.00 -6.36 -12.91
CA MET A 179 2.22 -7.11 -13.14
C MET A 179 2.15 -8.56 -12.66
N ALA A 180 1.03 -8.97 -12.03
CA ALA A 180 0.88 -10.29 -11.40
C ALA A 180 2.11 -10.61 -10.56
N ALA A 181 2.31 -9.77 -9.54
CA ALA A 181 3.56 -9.78 -8.79
C ALA A 181 3.27 -9.42 -7.33
N VAL A 182 4.07 -10.00 -6.43
CA VAL A 182 4.04 -9.66 -5.02
C VAL A 182 5.45 -9.25 -4.62
N THR A 183 5.54 -8.15 -3.89
CA THR A 183 6.80 -7.69 -3.32
C THR A 183 6.74 -7.99 -1.83
N TYR A 184 7.78 -8.66 -1.30
CA TYR A 184 7.85 -9.04 0.11
C TYR A 184 9.05 -8.33 0.74
N ILE A 185 8.80 -7.56 1.79
CA ILE A 185 9.84 -6.93 2.59
C ILE A 185 9.89 -7.72 3.88
N ASP A 186 11.02 -8.39 4.13
CA ASP A 186 11.16 -9.27 5.29
C ASP A 186 11.65 -8.45 6.48
N GLU A 187 11.95 -9.17 7.58
CA GLU A 187 12.18 -8.53 8.87
C GLU A 187 13.41 -7.63 8.86
N LYS A 188 14.48 -8.03 8.16
CA LYS A 188 15.69 -7.22 8.03
C LYS A 188 15.65 -6.26 6.86
N ARG A 189 14.44 -5.93 6.37
CA ARG A 189 14.15 -4.88 5.40
C ARG A 189 14.71 -5.13 4.01
N ASP A 190 15.01 -6.39 3.67
CA ASP A 190 15.41 -6.74 2.32
C ASP A 190 14.16 -7.01 1.50
N PHE A 191 14.18 -6.57 0.26
CA PHE A 191 12.98 -6.60 -0.55
C PHE A 191 13.21 -7.49 -1.77
N ARG A 192 12.22 -8.33 -2.06
CA ARG A 192 12.28 -9.21 -3.22
C ARG A 192 10.92 -9.17 -3.90
N THR A 193 10.93 -9.05 -5.22
CA THR A 193 9.71 -9.00 -6.03
C THR A 193 9.63 -10.29 -6.85
N TYR A 194 8.44 -10.87 -6.91
CA TYR A 194 8.23 -12.16 -7.54
C TYR A 194 7.00 -12.12 -8.43
N ARG A 195 7.10 -12.78 -9.59
CA ARG A 195 5.93 -13.13 -10.37
C ARG A 195 5.12 -14.18 -9.62
N LEU A 196 3.80 -13.99 -9.55
CA LEU A 196 2.99 -14.97 -8.85
C LEU A 196 2.96 -16.32 -9.56
N SER A 197 3.17 -16.35 -10.88
CA SER A 197 3.14 -17.63 -11.59
C SER A 197 4.47 -18.35 -11.50
N LEU A 198 5.52 -17.66 -11.10
CA LEU A 198 6.80 -18.31 -10.86
C LEU A 198 6.94 -18.81 -9.43
N LEU A 199 6.18 -18.25 -8.48
CA LEU A 199 6.04 -18.91 -7.18
C LEU A 199 5.02 -20.04 -7.25
N GLU A 200 4.26 -20.11 -8.34
CA GLU A 200 3.44 -21.29 -8.59
C GLU A 200 4.33 -22.50 -8.83
N GLU A 201 5.27 -22.39 -9.76
CA GLU A 201 6.24 -23.42 -10.10
C GLU A 201 7.22 -23.70 -8.96
N TYR A 202 8.14 -22.76 -8.72
CA TYR A 202 9.30 -23.01 -7.86
C TYR A 202 8.91 -23.23 -6.40
N GLY A 203 7.94 -22.50 -5.90
CA GLY A 203 7.55 -22.64 -4.50
C GLY A 203 8.15 -21.54 -3.66
N CYS A 204 7.87 -21.59 -2.36
CA CYS A 204 8.18 -20.45 -1.51
C CYS A 204 8.41 -20.96 -0.10
N CYS A 205 8.81 -20.03 0.77
CA CYS A 205 9.07 -20.22 2.17
C CYS A 205 7.73 -20.47 2.89
N LYS A 206 7.79 -20.99 4.11
CA LYS A 206 6.55 -21.11 4.85
C LYS A 206 6.05 -19.75 5.32
N GLU A 207 6.97 -18.86 5.74
CA GLU A 207 6.58 -17.55 6.24
C GLU A 207 5.83 -16.74 5.18
N LEU A 208 6.32 -16.77 3.93
CA LEU A 208 5.69 -16.07 2.83
C LEU A 208 4.44 -16.78 2.32
N ALA A 209 4.35 -18.11 2.46
CA ALA A 209 3.11 -18.81 2.19
C ALA A 209 2.05 -18.46 3.23
N SER A 210 2.47 -18.36 4.50
CA SER A 210 1.56 -17.96 5.57
C SER A 210 0.96 -16.59 5.32
N ARG A 211 1.75 -15.66 4.76
CA ARG A 211 1.28 -14.30 4.54
C ARG A 211 0.49 -14.15 3.25
N LEU A 212 0.80 -14.98 2.24
CA LEU A 212 -0.02 -15.06 1.05
C LEU A 212 -1.39 -15.64 1.35
N ARG A 213 -1.44 -16.62 2.25
CA ARG A 213 -2.72 -17.15 2.69
C ARG A 213 -3.54 -16.04 3.31
N TYR A 214 -2.91 -15.26 4.19
CA TYR A 214 -3.58 -14.18 4.90
C TYR A 214 -3.99 -13.05 3.95
N ALA A 215 -3.25 -12.86 2.86
CA ALA A 215 -3.60 -11.82 1.90
C ALA A 215 -4.85 -12.17 1.12
N ARG A 216 -5.12 -13.46 0.91
CA ARG A 216 -6.35 -13.87 0.24
C ARG A 216 -7.56 -13.48 1.06
N THR A 217 -7.51 -13.68 2.37
CA THR A 217 -8.58 -13.25 3.26
C THR A 217 -8.80 -11.74 3.16
N MET A 218 -7.75 -10.95 3.44
CA MET A 218 -7.86 -9.49 3.35
C MET A 218 -8.41 -9.05 2.00
N VAL A 219 -8.08 -9.73 0.91
CA VAL A 219 -8.55 -9.26 -0.39
C VAL A 219 -10.01 -9.66 -0.65
N ASP A 220 -10.49 -10.83 -0.20
CA ASP A 220 -11.94 -10.97 -0.36
C ASP A 220 -12.69 -10.12 0.66
N LYS A 221 -12.02 -9.63 1.74
CA LYS A 221 -12.67 -8.58 2.52
C LYS A 221 -12.81 -7.31 1.69
N LEU A 222 -11.75 -6.92 0.99
CA LEU A 222 -11.82 -5.70 0.18
C LEU A 222 -12.89 -5.82 -0.88
N LEU A 223 -12.98 -6.98 -1.53
CA LEU A 223 -13.97 -7.20 -2.58
C LEU A 223 -15.38 -7.09 -2.05
N SER A 224 -15.59 -7.47 -0.77
CA SER A 224 -16.89 -7.42 -0.13
C SER A 224 -17.28 -6.02 0.37
N SER A 225 -16.32 -5.06 0.35
CA SER A 225 -16.57 -3.66 0.73
C SER A 225 -17.23 -2.87 -0.38
N ARG A 226 -17.24 -3.38 -1.61
CA ARG A 226 -17.90 -2.71 -2.73
C ARG A 226 -19.38 -3.10 -2.75
N PRO B 1 -1.01 0.23 17.62
CA PRO B 1 -0.17 1.30 17.05
C PRO B 1 -1.02 2.33 16.31
N LYS B 2 -0.86 3.60 16.66
CA LYS B 2 -1.60 4.66 16.00
C LYS B 2 -0.89 5.18 14.75
N THR B 3 0.37 4.82 14.54
CA THR B 3 1.12 5.25 13.36
C THR B 3 2.00 4.09 12.87
N SER B 4 2.50 4.21 11.65
CA SER B 4 3.53 3.29 11.17
C SER B 4 4.82 3.43 12.01
N PRO B 6 7.98 4.32 13.76
CA PRO B 6 8.75 5.54 14.07
C PRO B 6 10.28 5.31 13.99
N ARG B 7 11.06 6.39 13.92
CA ARG B 7 12.52 6.31 13.99
C ARG B 7 13.10 7.04 15.19
#